data_5T2O
#
_entry.id   5T2O
#
_cell.length_a   40.180
_cell.length_b   64.835
_cell.length_c   167.005
_cell.angle_alpha   90.000
_cell.angle_beta   90.000
_cell.angle_gamma   90.000
#
_symmetry.space_group_name_H-M   'P 21 21 21'
#
loop_
_entity.id
_entity.type
_entity.pdbx_description
1 polymer I-OnuI_e-ag011377
2 polymer 'DNA (26-MER)'
3 polymer 'DNA (26-MER)'
4 non-polymer 'CALCIUM ION'
5 water water
#
loop_
_entity_poly.entity_id
_entity_poly.type
_entity_poly.pdbx_seq_one_letter_code
_entity_poly.pdbx_strand_id
1 'polypeptide(L)'
;MASMGRESINPWILTGFADAEGSFSLYIRNTNDRPSRYETRLTFAIGLHYKDKSILENIQSTWKVGIITNAGNNVVQLRV
SRFEDLKVIIDHFEKYPLITQKLGDYKLFKQAFSVMENKEHLKENGIKELVRIKAKMNWGLNDELKKAFPENISKERPLI
NKNIPNLKWLAGFTSGEGYFGVILAKSRNAATVQVRLRFEIGQHIRDKNLMNSLITYLGCGHIYEKNKSGRSWLVYTVTK
FSDISDKIIPVFQKNTLIGVKLEDFEDWCKVAKLIEEKKHLTESGLDEIKKIKLNMNKGRVF
;
A
2 'polydeoxyribonucleotide'
;(DG)(DG)(DG)(DG)(DC)(DC)(DG)(DG)(DA)(DA)(DA)(DA)(DT)(DT)(DT)(DC)(DT)(DA)(DC)(DG)
(DT)(DC)(DT)(DG)(DC)(DG)
;
B
3 'polydeoxyribonucleotide'
;(DC)(DC)(DG)(DC)(DA)(DG)(DA)(DC)(DG)(DT)(DA)(DG)(DA)(DA)(DA)(DT)(DT)(DT)(DT)(DC)
(DC)(DG)(DG)(DC)(DC)(DC)
;
C
#
# COMPACT_ATOMS: atom_id res chain seq x y z
N GLU A 7 -17.09 9.45 8.24
CA GLU A 7 -16.05 10.32 7.69
C GLU A 7 -15.67 9.91 6.27
N SER A 8 -14.88 10.75 5.61
CA SER A 8 -14.48 10.48 4.24
C SER A 8 -12.97 10.65 4.06
N ILE A 9 -12.46 10.15 2.93
CA ILE A 9 -11.03 10.24 2.62
C ILE A 9 -10.81 10.91 1.27
N ASN A 10 -9.76 11.72 1.17
CA ASN A 10 -9.37 12.34 -0.09
C ASN A 10 -9.12 11.28 -1.16
N PRO A 11 -9.67 11.49 -2.37
CA PRO A 11 -9.58 10.52 -3.46
C PRO A 11 -8.15 10.17 -3.87
N TRP A 12 -7.23 11.13 -3.79
CA TRP A 12 -5.84 10.87 -4.12
C TRP A 12 -5.13 10.14 -2.98
N ILE A 13 -5.52 10.45 -1.75
CA ILE A 13 -4.98 9.77 -0.59
C ILE A 13 -5.36 8.29 -0.62
N LEU A 14 -6.62 8.03 -0.95
CA LEU A 14 -7.13 6.66 -1.06
C LEU A 14 -6.36 5.88 -2.13
N THR A 15 -6.04 6.55 -3.23
CA THR A 15 -5.25 5.94 -4.29
C THR A 15 -3.84 5.64 -3.79
N GLY A 16 -3.27 6.59 -3.05
CA GLY A 16 -1.95 6.40 -2.45
C GLY A 16 -1.96 5.24 -1.47
N PHE A 17 -3.06 5.10 -0.74
CA PHE A 17 -3.21 4.01 0.21
C PHE A 17 -3.47 2.70 -0.52
N ALA A 18 -4.12 2.79 -1.67
CA ALA A 18 -4.41 1.62 -2.50
C ALA A 18 -3.15 1.13 -3.19
N ASP A 19 -2.17 2.01 -3.36
CA ASP A 19 -0.88 1.63 -3.91
C ASP A 19 -0.09 0.86 -2.86
N ALA A 20 -0.22 1.28 -1.61
CA ALA A 20 0.46 0.62 -0.50
C ALA A 20 -0.21 -0.71 -0.18
N GLU A 21 -1.45 -0.64 0.30
CA GLU A 21 -2.20 -1.83 0.65
C GLU A 21 -3.29 -2.10 -0.38
N GLY A 22 -3.85 -3.30 -0.36
CA GLY A 22 -4.90 -3.65 -1.29
C GLY A 22 -4.39 -4.43 -2.48
N SER A 23 -5.25 -5.29 -3.03
CA SER A 23 -4.87 -6.13 -4.15
C SER A 23 -6.04 -6.36 -5.11
N PHE A 24 -5.72 -6.75 -6.33
CA PHE A 24 -6.73 -7.04 -7.35
C PHE A 24 -6.74 -8.52 -7.64
N SER A 25 -7.84 -9.20 -7.27
CA SER A 25 -7.90 -10.65 -7.33
C SER A 25 -8.77 -11.17 -8.47
N LEU A 26 -8.29 -12.24 -9.11
CA LEU A 26 -9.09 -12.99 -10.07
C LEU A 26 -9.04 -14.47 -9.71
N TYR A 27 -10.18 -15.01 -9.29
CA TYR A 27 -10.25 -16.41 -8.91
C TYR A 27 -10.89 -17.26 -10.01
N ILE A 28 -10.15 -18.25 -10.48
CA ILE A 28 -10.64 -19.16 -11.51
C ILE A 28 -10.61 -20.60 -11.01
N ARG A 29 -11.69 -21.34 -11.27
CA ARG A 29 -11.79 -22.71 -10.80
C ARG A 29 -12.66 -23.58 -11.70
N ASN A 30 -12.21 -24.80 -11.96
CA ASN A 30 -13.02 -25.78 -12.67
C ASN A 30 -14.22 -26.19 -11.82
N THR A 31 -15.42 -26.12 -12.40
CA THR A 31 -16.63 -26.36 -11.63
C THR A 31 -17.53 -27.45 -12.24
N ASN A 32 -17.22 -27.86 -13.47
CA ASN A 32 -17.97 -28.94 -14.12
C ASN A 32 -17.18 -29.50 -15.31
N ASP A 33 -17.61 -30.64 -15.83
CA ASP A 33 -16.87 -31.28 -16.92
C ASP A 33 -17.73 -32.01 -17.95
N ARG A 34 -18.92 -32.45 -17.56
CA ARG A 34 -19.82 -33.11 -18.51
C ARG A 34 -20.04 -32.14 -19.68
N PRO A 35 -20.45 -30.88 -19.38
CA PRO A 35 -19.86 -29.83 -20.21
C PRO A 35 -18.82 -29.08 -19.36
N SER A 36 -17.67 -28.73 -19.95
CA SER A 36 -16.62 -28.08 -19.18
C SER A 36 -17.01 -26.65 -18.80
N ARG A 37 -17.07 -26.38 -17.50
CA ARG A 37 -17.39 -25.05 -17.01
C ARG A 37 -16.33 -24.56 -16.01
N TYR A 38 -16.23 -23.24 -15.86
CA TYR A 38 -15.26 -22.66 -14.94
C TYR A 38 -15.86 -21.50 -14.14
N GLU A 39 -15.45 -21.39 -12.88
CA GLU A 39 -15.91 -20.31 -12.00
C GLU A 39 -15.00 -19.11 -12.11
N THR A 40 -15.58 -17.91 -12.15
CA THR A 40 -14.80 -16.69 -12.30
C THR A 40 -15.33 -15.57 -11.40
N ARG A 41 -14.45 -14.98 -10.60
CA ARG A 41 -14.83 -13.90 -9.71
C ARG A 41 -13.73 -12.86 -9.57
N LEU A 42 -14.11 -11.59 -9.64
CA LEU A 42 -13.18 -10.48 -9.41
C LEU A 42 -13.38 -9.91 -8.02
N THR A 43 -12.28 -9.51 -7.38
CA THR A 43 -12.37 -8.97 -6.03
C THR A 43 -11.23 -8.01 -5.71
N PHE A 44 -11.59 -6.81 -5.23
CA PHE A 44 -10.61 -5.88 -4.69
C PHE A 44 -10.67 -5.92 -3.17
N ALA A 45 -9.53 -6.15 -2.53
CA ALA A 45 -9.51 -6.31 -1.08
C ALA A 45 -8.34 -5.61 -0.41
N ILE A 46 -8.64 -4.84 0.63
CA ILE A 46 -7.60 -4.20 1.43
C ILE A 46 -7.57 -4.83 2.82
N GLY A 47 -6.45 -5.48 3.15
CA GLY A 47 -6.30 -6.13 4.43
C GLY A 47 -5.50 -5.30 5.42
N LEU A 48 -6.10 -4.99 6.56
CA LEU A 48 -5.44 -4.18 7.59
C LEU A 48 -5.64 -4.78 8.98
N HIS A 49 -4.81 -4.35 9.92
CA HIS A 49 -4.99 -4.71 11.33
C HIS A 49 -6.29 -4.07 11.81
N TYR A 50 -6.95 -4.69 12.80
CA TYR A 50 -8.21 -4.16 13.30
C TYR A 50 -7.99 -2.83 14.01
N LYS A 51 -6.72 -2.51 14.26
CA LYS A 51 -6.31 -1.21 14.78
C LYS A 51 -6.75 -0.10 13.82
N ASP A 52 -6.64 -0.38 12.53
CA ASP A 52 -7.02 0.58 11.50
C ASP A 52 -8.30 0.17 10.79
N LYS A 53 -9.24 -0.39 11.54
CA LYS A 53 -10.53 -0.78 10.97
C LYS A 53 -11.32 0.46 10.55
N SER A 54 -11.03 1.58 11.20
CA SER A 54 -11.71 2.84 10.92
C SER A 54 -11.46 3.30 9.48
N ILE A 55 -10.27 3.01 8.97
CA ILE A 55 -9.92 3.38 7.60
C ILE A 55 -10.82 2.68 6.59
N LEU A 56 -10.96 1.35 6.75
CA LEU A 56 -11.79 0.55 5.87
C LEU A 56 -13.23 1.06 5.86
N GLU A 57 -13.73 1.44 7.03
CA GLU A 57 -15.07 1.99 7.16
C GLU A 57 -15.16 3.34 6.45
N ASN A 58 -14.07 4.10 6.50
CA ASN A 58 -14.01 5.38 5.80
C ASN A 58 -13.92 5.19 4.29
N ILE A 59 -13.15 4.17 3.87
CA ILE A 59 -13.08 3.81 2.46
C ILE A 59 -14.45 3.31 2.01
N GLN A 60 -15.15 2.62 2.90
CA GLN A 60 -16.48 2.12 2.63
C GLN A 60 -17.49 3.28 2.58
N SER A 61 -17.13 4.40 3.20
CA SER A 61 -18.01 5.56 3.26
C SER A 61 -17.84 6.46 2.04
N THR A 62 -16.72 6.31 1.34
CA THR A 62 -16.48 7.11 0.14
C THR A 62 -16.99 6.40 -1.11
N TRP A 63 -16.78 5.09 -1.17
CA TRP A 63 -17.19 4.30 -2.33
C TRP A 63 -18.61 3.76 -2.19
N LYS A 64 -19.07 3.65 -0.94
CA LYS A 64 -20.42 3.16 -0.63
C LYS A 64 -20.67 1.75 -1.16
N VAL A 65 -19.58 0.99 -1.31
CA VAL A 65 -19.67 -0.40 -1.74
C VAL A 65 -18.69 -1.26 -0.94
N GLY A 66 -18.80 -2.58 -1.08
CA GLY A 66 -17.86 -3.48 -0.47
C GLY A 66 -18.26 -4.00 0.90
N ILE A 67 -17.79 -5.21 1.22
CA ILE A 67 -18.09 -5.84 2.49
C ILE A 67 -16.82 -5.99 3.32
N ILE A 68 -16.90 -5.60 4.59
CA ILE A 68 -15.78 -5.76 5.52
C ILE A 68 -15.79 -7.16 6.12
N THR A 69 -14.76 -7.93 5.83
CA THR A 69 -14.63 -9.28 6.36
C THR A 69 -13.58 -9.33 7.46
N ASN A 70 -13.58 -10.40 8.24
CA ASN A 70 -12.59 -10.60 9.28
C ASN A 70 -11.66 -11.75 8.92
N ALA A 71 -10.47 -11.43 8.43
CA ALA A 71 -9.56 -12.45 7.90
C ALA A 71 -8.80 -13.19 9.00
N GLY A 72 -9.13 -12.89 10.26
CA GLY A 72 -8.47 -13.53 11.38
C GLY A 72 -7.05 -13.03 11.56
N ASN A 73 -6.38 -13.52 12.61
CA ASN A 73 -5.02 -13.11 12.95
C ASN A 73 -4.87 -11.60 13.03
N ASN A 74 -5.74 -10.98 13.83
CA ASN A 74 -5.72 -9.53 14.05
C ASN A 74 -5.91 -8.71 12.79
N VAL A 75 -6.42 -9.33 11.73
CA VAL A 75 -6.58 -8.65 10.45
C VAL A 75 -8.03 -8.58 9.98
N VAL A 76 -8.53 -7.36 9.84
CA VAL A 76 -9.81 -7.13 9.19
C VAL A 76 -9.56 -6.79 7.73
N GLN A 77 -10.56 -6.96 6.88
CA GLN A 77 -10.34 -6.79 5.45
C GLN A 77 -11.58 -6.28 4.71
N LEU A 78 -11.39 -5.24 3.90
CA LEU A 78 -12.46 -4.67 3.10
C LEU A 78 -12.47 -5.28 1.70
N ARG A 79 -13.48 -6.08 1.41
CA ARG A 79 -13.55 -6.77 0.12
C ARG A 79 -14.73 -6.30 -0.73
N VAL A 80 -14.45 -6.02 -2.00
CA VAL A 80 -15.49 -5.65 -2.96
C VAL A 80 -15.47 -6.63 -4.12
N SER A 81 -16.57 -7.35 -4.32
CA SER A 81 -16.62 -8.40 -5.33
C SER A 81 -17.86 -8.33 -6.22
N ARG A 82 -18.90 -7.64 -5.77
CA ARG A 82 -20.12 -7.50 -6.56
C ARG A 82 -19.79 -6.77 -7.86
N PHE A 83 -20.16 -7.38 -8.98
CA PHE A 83 -19.74 -6.93 -10.30
C PHE A 83 -20.21 -5.51 -10.63
N GLU A 84 -21.45 -5.21 -10.28
CA GLU A 84 -21.98 -3.85 -10.49
C GLU A 84 -21.28 -2.85 -9.59
N ASP A 85 -20.83 -3.32 -8.43
CA ASP A 85 -20.12 -2.46 -7.48
C ASP A 85 -18.66 -2.28 -7.88
N LEU A 86 -18.22 -3.08 -8.85
CA LEU A 86 -16.85 -2.97 -9.34
C LEU A 86 -16.70 -1.75 -10.25
N LYS A 87 -17.81 -1.31 -10.83
CA LYS A 87 -17.81 -0.12 -11.67
C LYS A 87 -17.38 1.11 -10.88
N VAL A 88 -17.77 1.14 -9.60
CA VAL A 88 -17.42 2.24 -8.71
C VAL A 88 -15.92 2.33 -8.50
N ILE A 89 -15.29 1.18 -8.30
CA ILE A 89 -13.85 1.13 -8.10
C ILE A 89 -13.09 1.50 -9.37
N ILE A 90 -13.54 0.96 -10.50
CA ILE A 90 -12.93 1.26 -11.78
C ILE A 90 -13.05 2.75 -12.10
N ASP A 91 -14.23 3.30 -11.86
CA ASP A 91 -14.49 4.72 -12.06
C ASP A 91 -13.51 5.59 -11.28
N HIS A 92 -13.22 5.17 -10.05
CA HIS A 92 -12.32 5.93 -9.18
C HIS A 92 -10.88 5.91 -9.68
N PHE A 93 -10.41 4.72 -10.05
CA PHE A 93 -9.01 4.54 -10.44
C PHE A 93 -8.73 5.00 -11.86
N GLU A 94 -9.76 5.48 -12.57
CA GLU A 94 -9.55 6.10 -13.86
C GLU A 94 -9.30 7.59 -13.67
N LYS A 95 -9.89 8.15 -12.61
CA LYS A 95 -9.70 9.55 -12.25
C LYS A 95 -8.43 9.72 -11.44
N TYR A 96 -8.22 8.78 -10.51
CA TYR A 96 -7.06 8.83 -9.61
C TYR A 96 -6.29 7.52 -9.71
N PRO A 97 -5.47 7.36 -10.76
CA PRO A 97 -4.79 6.11 -11.10
C PRO A 97 -3.62 5.76 -10.19
N LEU A 98 -3.33 4.46 -10.07
CA LEU A 98 -2.15 3.98 -9.35
C LEU A 98 -0.90 4.33 -10.14
N ILE A 99 0.23 4.50 -9.46
CA ILE A 99 1.49 4.79 -10.14
C ILE A 99 2.55 3.74 -9.88
N THR A 100 2.25 2.82 -8.94
CA THR A 100 3.15 1.70 -8.69
C THR A 100 2.91 0.61 -9.72
N GLN A 101 3.56 -0.53 -9.55
CA GLN A 101 3.39 -1.65 -10.47
C GLN A 101 2.03 -2.33 -10.29
N LYS A 102 1.28 -1.89 -9.27
CA LYS A 102 -0.06 -2.38 -9.04
C LYS A 102 -1.01 -1.91 -10.13
N LEU A 103 -0.62 -0.87 -10.85
CA LEU A 103 -1.40 -0.37 -11.97
C LEU A 103 -1.50 -1.43 -13.06
N GLY A 104 -0.44 -2.23 -13.20
CA GLY A 104 -0.41 -3.31 -14.16
C GLY A 104 -1.36 -4.41 -13.76
N ASP A 105 -1.40 -4.72 -12.47
CA ASP A 105 -2.36 -5.67 -11.93
C ASP A 105 -3.77 -5.10 -12.06
N TYR A 106 -3.87 -3.78 -12.04
CA TYR A 106 -5.16 -3.10 -12.18
C TYR A 106 -5.67 -3.13 -13.62
N LYS A 107 -4.78 -2.85 -14.57
CA LYS A 107 -5.17 -2.82 -15.98
C LYS A 107 -5.59 -4.21 -16.46
N LEU A 108 -4.88 -5.23 -16.00
CA LEU A 108 -5.25 -6.62 -16.29
C LEU A 108 -6.58 -6.95 -15.62
N PHE A 109 -6.78 -6.40 -14.42
CA PHE A 109 -8.03 -6.58 -13.69
C PHE A 109 -9.20 -6.02 -14.49
N LYS A 110 -8.96 -4.92 -15.18
CA LYS A 110 -9.99 -4.30 -16.02
C LYS A 110 -10.31 -5.17 -17.24
N GLN A 111 -9.27 -5.78 -17.81
CA GLN A 111 -9.44 -6.64 -18.96
C GLN A 111 -10.30 -7.84 -18.60
N ALA A 112 -10.14 -8.33 -17.38
CA ALA A 112 -10.96 -9.42 -16.87
C ALA A 112 -12.40 -8.94 -16.66
N PHE A 113 -12.54 -7.68 -16.28
CA PHE A 113 -13.85 -7.07 -16.08
C PHE A 113 -14.58 -6.95 -17.42
N SER A 114 -13.83 -6.65 -18.47
CA SER A 114 -14.41 -6.47 -19.79
C SER A 114 -14.95 -7.79 -20.35
N VAL A 115 -14.22 -8.87 -20.09
CA VAL A 115 -14.63 -10.19 -20.56
C VAL A 115 -15.88 -10.66 -19.84
N MET A 116 -15.92 -10.45 -18.52
CA MET A 116 -17.07 -10.86 -17.72
C MET A 116 -18.29 -9.99 -17.99
N GLU A 117 -18.06 -8.75 -18.43
CA GLU A 117 -19.16 -7.83 -18.69
C GLU A 117 -19.91 -8.20 -19.96
N ASN A 118 -19.18 -8.62 -20.98
CA ASN A 118 -19.79 -9.06 -22.24
C ASN A 118 -20.26 -10.50 -22.16
N LYS A 119 -20.25 -11.04 -20.94
CA LYS A 119 -20.68 -12.42 -20.68
C LYS A 119 -19.92 -13.43 -21.52
N GLU A 120 -18.65 -13.12 -21.80
CA GLU A 120 -17.80 -14.02 -22.59
C GLU A 120 -17.17 -15.07 -21.71
N HIS A 121 -17.19 -14.85 -20.39
CA HIS A 121 -16.59 -15.77 -19.43
C HIS A 121 -17.42 -17.03 -19.25
N LEU A 122 -18.53 -17.11 -19.97
CA LEU A 122 -19.39 -18.29 -19.94
C LEU A 122 -19.12 -19.19 -21.14
N LYS A 123 -18.03 -18.92 -21.84
CA LYS A 123 -17.65 -19.70 -23.01
C LYS A 123 -16.19 -20.13 -22.94
N GLU A 124 -15.82 -21.07 -23.81
CA GLU A 124 -14.45 -21.60 -23.82
C GLU A 124 -13.44 -20.54 -24.24
N ASN A 125 -13.89 -19.57 -25.03
CA ASN A 125 -13.03 -18.49 -25.48
C ASN A 125 -12.72 -17.50 -24.37
N GLY A 126 -13.70 -17.29 -23.48
CA GLY A 126 -13.55 -16.35 -22.38
C GLY A 126 -12.63 -16.87 -21.29
N ILE A 127 -12.76 -18.16 -20.98
CA ILE A 127 -11.91 -18.78 -19.96
C ILE A 127 -10.46 -18.82 -20.42
N LYS A 128 -10.25 -19.18 -21.68
CA LYS A 128 -8.91 -19.24 -22.25
C LYS A 128 -8.25 -17.87 -22.24
N GLU A 129 -9.04 -16.82 -22.36
CA GLU A 129 -8.52 -15.46 -22.31
C GLU A 129 -8.23 -15.04 -20.86
N LEU A 130 -9.12 -15.42 -19.95
CA LEU A 130 -9.00 -15.06 -18.55
C LEU A 130 -7.78 -15.68 -17.88
N VAL A 131 -7.45 -16.92 -18.25
CA VAL A 131 -6.31 -17.60 -17.65
C VAL A 131 -4.99 -16.98 -18.10
N ARG A 132 -5.00 -16.35 -19.27
CA ARG A 132 -3.83 -15.63 -19.76
C ARG A 132 -3.65 -14.34 -18.96
N ILE A 133 -4.78 -13.73 -18.59
CA ILE A 133 -4.77 -12.50 -17.81
C ILE A 133 -4.28 -12.78 -16.38
N LYS A 134 -4.73 -13.89 -15.81
CA LYS A 134 -4.35 -14.26 -14.45
C LYS A 134 -2.89 -14.69 -14.39
N ALA A 135 -2.37 -15.20 -15.51
CA ALA A 135 -1.01 -15.69 -15.58
C ALA A 135 0.02 -14.56 -15.45
N LYS A 136 -0.42 -13.33 -15.64
CA LYS A 136 0.46 -12.17 -15.53
C LYS A 136 0.05 -11.26 -14.38
N MET A 137 -0.87 -11.74 -13.54
CA MET A 137 -1.33 -10.96 -12.39
C MET A 137 -0.77 -11.49 -11.08
N ASN A 138 -0.14 -10.59 -10.32
CA ASN A 138 0.39 -10.90 -8.98
C ASN A 138 1.33 -12.10 -8.95
N TRP A 139 0.79 -13.25 -8.60
CA TRP A 139 1.60 -14.46 -8.44
C TRP A 139 1.33 -15.49 -9.55
N GLY A 140 0.51 -15.10 -10.52
CA GLY A 140 0.27 -15.92 -11.70
C GLY A 140 -0.72 -17.06 -11.49
N LEU A 141 -0.75 -17.97 -12.46
CA LEU A 141 -1.64 -19.13 -12.40
C LEU A 141 -1.15 -20.16 -11.39
N ASN A 142 -2.09 -20.91 -10.83
CA ASN A 142 -1.73 -22.03 -9.97
C ASN A 142 -1.28 -23.21 -10.82
N ASP A 143 -0.72 -24.24 -10.18
CA ASP A 143 -0.16 -25.37 -10.90
C ASP A 143 -1.23 -26.18 -11.63
N GLU A 144 -2.45 -26.16 -11.12
CA GLU A 144 -3.56 -26.89 -11.72
C GLU A 144 -3.91 -26.32 -13.09
N LEU A 145 -4.02 -24.99 -13.16
CA LEU A 145 -4.36 -24.31 -14.40
C LEU A 145 -3.18 -24.26 -15.36
N LYS A 146 -1.97 -24.29 -14.82
CA LYS A 146 -0.76 -24.31 -15.62
C LYS A 146 -0.69 -25.57 -16.48
N LYS A 147 -1.16 -26.69 -15.92
CA LYS A 147 -1.15 -27.96 -16.62
C LYS A 147 -2.45 -28.18 -17.39
N ALA A 148 -3.48 -27.41 -17.06
CA ALA A 148 -4.75 -27.49 -17.76
C ALA A 148 -4.75 -26.58 -18.99
N PHE A 149 -4.02 -25.47 -18.90
CA PHE A 149 -3.91 -24.53 -20.01
C PHE A 149 -2.45 -24.16 -20.25
N PRO A 150 -1.71 -25.04 -20.94
CA PRO A 150 -0.27 -24.88 -21.20
C PRO A 150 0.08 -23.61 -21.98
N GLU A 151 -0.79 -23.20 -22.89
CA GLU A 151 -0.56 -22.01 -23.69
C GLU A 151 -1.06 -20.76 -22.95
N ASN A 152 -0.39 -20.41 -21.86
CA ASN A 152 -0.85 -19.34 -20.98
C ASN A 152 0.16 -18.22 -20.78
N ILE A 153 1.12 -18.10 -21.69
CA ILE A 153 2.14 -17.06 -21.57
C ILE A 153 2.05 -16.07 -22.73
N SER A 154 0.83 -15.76 -23.15
CA SER A 154 0.61 -14.91 -24.31
C SER A 154 0.39 -13.45 -23.93
N LYS A 155 -0.32 -13.23 -22.82
CA LYS A 155 -0.67 -11.89 -22.38
C LYS A 155 0.56 -11.05 -22.02
N GLU A 156 0.50 -9.77 -22.37
CA GLU A 156 1.57 -8.84 -22.06
C GLU A 156 1.40 -8.22 -20.68
N ARG A 157 2.43 -8.34 -19.85
CA ARG A 157 2.43 -7.69 -18.54
C ARG A 157 2.76 -6.21 -18.69
N PRO A 158 1.75 -5.34 -18.49
CA PRO A 158 1.97 -3.91 -18.67
C PRO A 158 2.88 -3.32 -17.60
N LEU A 159 4.08 -2.91 -18.00
CA LEU A 159 5.02 -2.31 -17.07
C LEU A 159 4.59 -0.90 -16.73
N ILE A 160 5.12 -0.34 -15.65
CA ILE A 160 4.72 0.98 -15.20
C ILE A 160 5.92 1.86 -14.88
N ASN A 161 6.01 3.00 -15.56
CA ASN A 161 7.01 4.01 -15.26
C ASN A 161 6.34 5.37 -15.09
N LYS A 162 5.80 5.61 -13.90
CA LYS A 162 5.06 6.83 -13.64
C LYS A 162 5.68 7.69 -12.54
N ASN A 163 5.28 8.95 -12.50
CA ASN A 163 5.76 9.89 -11.50
C ASN A 163 4.79 10.01 -10.34
N ILE A 164 5.23 10.65 -9.26
CA ILE A 164 4.35 10.94 -8.15
C ILE A 164 3.43 12.10 -8.53
N PRO A 165 2.11 11.83 -8.59
CA PRO A 165 1.12 12.82 -9.05
C PRO A 165 1.10 14.08 -8.20
N ASN A 166 1.13 13.91 -6.88
CA ASN A 166 1.11 15.03 -5.95
C ASN A 166 1.43 14.58 -4.53
N LEU A 167 1.40 15.52 -3.59
CA LEU A 167 1.69 15.22 -2.19
C LEU A 167 0.51 14.50 -1.53
N LYS A 168 -0.68 14.65 -2.09
CA LYS A 168 -1.86 13.98 -1.56
C LYS A 168 -1.74 12.47 -1.75
N TRP A 169 -1.18 12.05 -2.88
CA TRP A 169 -0.93 10.63 -3.11
C TRP A 169 0.13 10.12 -2.15
N LEU A 170 1.14 10.94 -1.91
CA LEU A 170 2.25 10.56 -1.03
C LEU A 170 1.78 10.41 0.42
N ALA A 171 0.75 11.17 0.77
CA ALA A 171 0.19 11.10 2.12
C ALA A 171 -0.48 9.76 2.38
N GLY A 172 -1.08 9.20 1.33
CA GLY A 172 -1.72 7.90 1.43
C GLY A 172 -0.71 6.76 1.36
N PHE A 173 0.34 6.97 0.57
CA PHE A 173 1.37 5.96 0.40
C PHE A 173 2.22 5.84 1.66
N THR A 174 2.35 6.94 2.40
CA THR A 174 3.11 6.95 3.65
C THR A 174 2.28 6.39 4.78
N SER A 175 0.96 6.56 4.69
CA SER A 175 0.04 6.02 5.69
C SER A 175 0.06 4.50 5.67
N GLY A 176 0.60 3.93 4.60
CA GLY A 176 0.68 2.49 4.47
C GLY A 176 2.08 1.94 4.67
N GLU A 177 3.05 2.50 3.94
CA GLU A 177 4.41 1.97 3.95
C GLU A 177 5.34 2.75 4.87
N GLY A 178 4.89 3.93 5.30
CA GLY A 178 5.73 4.82 6.08
C GLY A 178 6.04 4.34 7.49
N TYR A 179 7.13 4.86 8.05
CA TYR A 179 7.53 4.53 9.41
C TYR A 179 8.23 5.72 10.08
N PHE A 180 7.58 6.30 11.07
CA PHE A 180 8.14 7.42 11.82
C PHE A 180 8.70 6.91 13.14
N GLY A 181 10.00 6.64 13.17
CA GLY A 181 10.62 6.05 14.34
C GLY A 181 11.52 6.96 15.14
N VAL A 182 11.32 6.95 16.46
CA VAL A 182 12.21 7.65 17.37
C VAL A 182 13.29 6.67 17.83
N ILE A 183 14.42 6.67 17.12
CA ILE A 183 15.50 5.75 17.41
C ILE A 183 16.37 6.24 18.56
N LEU A 184 16.34 5.51 19.68
CA LEU A 184 17.17 5.83 20.82
C LEU A 184 18.49 5.06 20.72
N ALA A 185 19.39 5.56 19.88
CA ALA A 185 20.64 4.86 19.57
C ALA A 185 21.52 4.64 20.80
N LYS A 186 21.86 3.38 21.04
CA LYS A 186 22.73 3.02 22.15
C LYS A 186 23.67 1.88 21.77
N ALA A 190 29.29 4.21 27.56
CA ALA A 190 29.31 5.65 27.81
C ALA A 190 29.09 6.43 26.52
N ALA A 191 29.59 5.90 25.42
CA ALA A 191 29.42 6.52 24.11
C ALA A 191 28.21 5.94 23.38
N THR A 192 27.07 5.93 24.07
CA THR A 192 25.87 5.31 23.52
C THR A 192 24.61 5.74 24.26
N VAL A 193 23.98 6.82 23.80
CA VAL A 193 22.77 7.34 24.43
C VAL A 193 22.11 8.38 23.50
N GLN A 194 22.59 8.44 22.27
CA GLN A 194 22.13 9.43 21.29
C GLN A 194 20.67 9.24 20.86
N VAL A 195 19.97 10.35 20.65
CA VAL A 195 18.61 10.33 20.14
C VAL A 195 18.61 10.56 18.63
N ARG A 196 17.88 9.71 17.90
CA ARG A 196 17.79 9.84 16.45
C ARG A 196 16.34 9.71 15.96
N LEU A 197 15.92 10.65 15.12
CA LEU A 197 14.63 10.54 14.45
C LEU A 197 14.82 9.89 13.09
N ARG A 198 13.93 8.96 12.74
CA ARG A 198 14.06 8.27 11.47
C ARG A 198 12.73 8.07 10.74
N PHE A 199 12.73 8.42 9.46
CA PHE A 199 11.56 8.22 8.60
C PHE A 199 11.98 7.44 7.36
N GLU A 200 11.49 6.22 7.23
CA GLU A 200 11.88 5.37 6.12
C GLU A 200 10.71 4.61 5.50
N ILE A 201 10.82 4.34 4.20
CA ILE A 201 9.77 3.66 3.44
C ILE A 201 10.33 2.48 2.65
N GLY A 202 9.81 1.30 2.93
CA GLY A 202 10.23 0.11 2.20
C GLY A 202 9.35 -0.14 0.99
N GLN A 203 9.90 -0.80 -0.02
CA GLN A 203 9.16 -1.15 -1.23
C GLN A 203 9.93 -2.17 -2.06
N HIS A 204 9.20 -3.03 -2.77
CA HIS A 204 9.80 -4.04 -3.64
C HIS A 204 10.64 -3.37 -4.73
N ILE A 205 11.68 -4.06 -5.19
CA ILE A 205 12.63 -3.49 -6.13
C ILE A 205 12.04 -3.31 -7.54
N ARG A 206 10.84 -3.80 -7.75
CA ARG A 206 10.17 -3.65 -9.05
C ARG A 206 9.80 -2.19 -9.30
N ASP A 207 9.74 -1.40 -8.22
CA ASP A 207 9.45 0.02 -8.32
C ASP A 207 10.66 0.84 -7.91
N LYS A 208 11.82 0.50 -8.48
CA LYS A 208 13.06 1.19 -8.19
C LYS A 208 13.04 2.62 -8.73
N ASN A 209 12.50 2.80 -9.93
CA ASN A 209 12.42 4.12 -10.55
C ASN A 209 11.54 5.07 -9.74
N LEU A 210 10.43 4.54 -9.22
CA LEU A 210 9.52 5.33 -8.41
C LEU A 210 10.14 5.71 -7.07
N MET A 211 10.84 4.75 -6.45
CA MET A 211 11.48 4.98 -5.17
C MET A 211 12.57 6.05 -5.27
N ASN A 212 13.35 6.01 -6.33
CA ASN A 212 14.45 6.96 -6.51
C ASN A 212 13.94 8.37 -6.79
N SER A 213 12.70 8.48 -7.23
CA SER A 213 12.12 9.78 -7.52
C SER A 213 11.85 10.56 -6.23
N LEU A 214 11.73 9.83 -5.13
CA LEU A 214 11.48 10.43 -3.82
C LEU A 214 12.60 11.39 -3.39
N ILE A 215 13.83 11.03 -3.73
CA ILE A 215 14.99 11.84 -3.37
C ILE A 215 14.95 13.19 -4.08
N THR A 216 14.56 13.19 -5.35
CA THR A 216 14.47 14.41 -6.15
C THR A 216 13.17 15.16 -5.88
N TYR A 217 12.17 14.44 -5.37
CA TYR A 217 10.85 15.03 -5.12
C TYR A 217 10.80 15.69 -3.75
N LEU A 218 11.37 15.02 -2.75
CA LEU A 218 11.38 15.55 -1.39
C LEU A 218 12.64 16.35 -1.10
N GLY A 219 13.55 16.39 -2.08
CA GLY A 219 14.76 17.18 -1.95
C GLY A 219 15.73 16.70 -0.89
N CYS A 220 15.57 15.44 -0.47
CA CYS A 220 16.43 14.85 0.55
C CYS A 220 16.28 13.34 0.59
N GLY A 221 17.00 12.71 1.52
CA GLY A 221 16.86 11.27 1.74
C GLY A 221 17.86 10.42 0.97
N HIS A 222 17.94 9.15 1.38
CA HIS A 222 18.81 8.18 0.72
C HIS A 222 18.08 6.85 0.56
N ILE A 223 18.58 6.00 -0.33
CA ILE A 223 17.95 4.70 -0.58
C ILE A 223 18.92 3.55 -0.36
N TYR A 224 18.48 2.55 0.40
CA TYR A 224 19.31 1.40 0.72
C TYR A 224 18.57 0.09 0.44
N GLU A 225 19.22 -0.80 -0.30
CA GLU A 225 18.65 -2.12 -0.58
C GLU A 225 18.95 -3.09 0.56
N LYS A 226 17.93 -3.81 1.01
CA LYS A 226 18.09 -4.77 2.09
C LYS A 226 17.63 -6.16 1.65
N ASN A 227 18.42 -7.18 1.97
CA ASN A 227 18.14 -8.53 1.51
C ASN A 227 17.78 -9.50 2.64
N LYS A 228 16.67 -10.20 2.48
CA LYS A 228 16.30 -11.30 3.35
C LYS A 228 16.15 -12.56 2.52
N SER A 229 16.97 -13.57 2.82
CA SER A 229 17.04 -14.80 2.03
C SER A 229 17.32 -14.47 0.56
N GLY A 230 16.36 -14.76 -0.31
CA GLY A 230 16.49 -14.48 -1.72
C GLY A 230 15.59 -13.34 -2.17
N ARG A 231 15.14 -12.53 -1.21
CA ARG A 231 14.23 -11.44 -1.50
C ARG A 231 14.93 -10.09 -1.34
N SER A 232 14.35 -9.04 -1.91
CA SER A 232 14.96 -7.73 -1.90
C SER A 232 13.93 -6.61 -1.87
N TRP A 233 14.25 -5.54 -1.13
CA TRP A 233 13.39 -4.37 -1.06
C TRP A 233 14.20 -3.11 -0.80
N LEU A 234 13.82 -2.01 -1.46
CA LEU A 234 14.51 -0.75 -1.28
C LEU A 234 13.92 0.03 -0.11
N VAL A 235 14.76 0.82 0.56
CA VAL A 235 14.31 1.62 1.69
C VAL A 235 14.77 3.07 1.58
N TYR A 236 13.84 3.96 1.21
CA TYR A 236 14.12 5.38 1.19
C TYR A 236 14.19 5.91 2.62
N THR A 237 15.33 6.47 3.01
CA THR A 237 15.57 6.84 4.39
C THR A 237 15.98 8.31 4.58
N VAL A 238 15.39 8.96 5.57
CA VAL A 238 15.77 10.32 5.94
C VAL A 238 16.15 10.38 7.41
N THR A 239 17.35 10.86 7.71
CA THR A 239 17.84 10.90 9.08
C THR A 239 18.29 12.30 9.49
N LYS A 240 18.80 13.07 8.53
CA LYS A 240 19.25 14.44 8.80
C LYS A 240 18.08 15.27 9.35
N PHE A 241 18.26 15.79 10.57
CA PHE A 241 17.19 16.48 11.28
C PHE A 241 16.74 17.76 10.56
N SER A 242 17.68 18.44 9.91
CA SER A 242 17.36 19.65 9.18
C SER A 242 16.44 19.34 8.00
N ASP A 243 16.63 18.18 7.39
CA ASP A 243 15.79 17.73 6.29
C ASP A 243 14.44 17.21 6.79
N ILE A 244 14.40 16.85 8.07
CA ILE A 244 13.17 16.35 8.67
C ILE A 244 12.24 17.50 9.06
N SER A 245 12.79 18.47 9.78
CA SER A 245 11.99 19.58 10.30
C SER A 245 11.57 20.55 9.20
N ASP A 246 12.33 20.60 8.11
CA ASP A 246 12.09 21.60 7.07
C ASP A 246 11.44 21.02 5.82
N LYS A 247 11.62 19.73 5.57
CA LYS A 247 11.17 19.14 4.32
C LYS A 247 10.18 17.97 4.51
N ILE A 248 10.40 17.15 5.52
CA ILE A 248 9.57 15.97 5.74
C ILE A 248 8.30 16.31 6.52
N ILE A 249 8.47 16.90 7.70
CA ILE A 249 7.35 17.26 8.56
C ILE A 249 6.37 18.27 7.94
N PRO A 250 6.87 19.37 7.33
CA PRO A 250 5.91 20.34 6.78
C PRO A 250 5.01 19.76 5.68
N VAL A 251 5.49 18.75 4.96
CA VAL A 251 4.71 18.14 3.89
C VAL A 251 3.49 17.39 4.44
N PHE A 252 3.72 16.54 5.44
CA PHE A 252 2.65 15.72 6.00
C PHE A 252 1.73 16.52 6.92
N GLN A 253 2.02 17.81 7.09
CA GLN A 253 1.15 18.69 7.85
C GLN A 253 0.12 19.35 6.94
N LYS A 254 0.56 19.77 5.76
CA LYS A 254 -0.33 20.34 4.76
C LYS A 254 -1.17 19.23 4.12
N ASN A 255 -0.67 18.01 4.19
CA ASN A 255 -1.38 16.84 3.69
C ASN A 255 -1.50 15.78 4.78
N THR A 256 -2.63 15.81 5.49
CA THR A 256 -2.83 14.98 6.68
C THR A 256 -2.86 13.48 6.36
N LEU A 257 -2.18 12.70 7.20
CA LEU A 257 -2.19 11.25 7.08
C LEU A 257 -3.50 10.66 7.57
N ILE A 258 -3.65 9.34 7.46
CA ILE A 258 -4.83 8.65 7.94
C ILE A 258 -4.46 7.46 8.83
N GLY A 259 -5.41 7.02 9.65
CA GLY A 259 -5.19 5.90 10.53
C GLY A 259 -4.43 6.28 11.79
N VAL A 260 -4.05 5.28 12.58
CA VAL A 260 -3.33 5.52 13.83
C VAL A 260 -1.89 5.93 13.57
N LYS A 261 -1.45 5.79 12.33
CA LYS A 261 -0.10 6.21 11.94
C LYS A 261 -0.01 7.72 11.99
N LEU A 262 -1.16 8.40 11.93
CA LEU A 262 -1.23 9.85 12.02
C LEU A 262 -0.81 10.34 13.40
N GLU A 263 -1.27 9.65 14.44
CA GLU A 263 -0.92 10.00 15.81
C GLU A 263 0.53 9.60 16.12
N ASP A 264 1.02 8.58 15.41
CA ASP A 264 2.42 8.22 15.50
C ASP A 264 3.28 9.35 14.93
N PHE A 265 2.73 10.03 13.92
CA PHE A 265 3.39 11.17 13.31
C PHE A 265 3.39 12.37 14.24
N GLU A 266 2.31 12.53 15.00
CA GLU A 266 2.18 13.63 15.94
C GLU A 266 3.18 13.52 17.08
N ASP A 267 3.30 12.32 17.65
CA ASP A 267 4.27 12.07 18.70
C ASP A 267 5.68 12.19 18.14
N TRP A 268 5.84 11.85 16.86
CA TRP A 268 7.11 11.96 16.17
C TRP A 268 7.49 13.43 16.00
N CYS A 269 6.49 14.29 15.92
CA CYS A 269 6.71 15.73 15.83
C CYS A 269 6.99 16.31 17.21
N LYS A 270 6.37 15.74 18.23
CA LYS A 270 6.56 16.19 19.61
C LYS A 270 8.02 16.04 20.01
N VAL A 271 8.64 14.96 19.55
CA VAL A 271 10.06 14.73 19.79
C VAL A 271 10.90 15.72 18.99
N ALA A 272 10.50 15.96 17.76
CA ALA A 272 11.22 16.87 16.87
C ALA A 272 11.27 18.28 17.45
N LYS A 273 10.13 18.75 17.96
CA LYS A 273 10.07 20.08 18.57
C LYS A 273 10.89 20.12 19.85
N LEU A 274 10.96 18.99 20.54
CA LEU A 274 11.76 18.88 21.74
C LEU A 274 13.25 18.78 21.43
N ILE A 275 13.57 18.35 20.22
CA ILE A 275 14.96 18.22 19.80
C ILE A 275 15.52 19.55 19.29
N GLU A 276 14.71 20.27 18.52
CA GLU A 276 15.11 21.56 17.97
C GLU A 276 15.28 22.58 19.10
N GLU A 277 14.49 22.39 20.16
CA GLU A 277 14.63 23.19 21.38
C GLU A 277 15.82 22.72 22.22
N LYS A 278 16.57 21.76 21.67
CA LYS A 278 17.79 21.25 22.28
C LYS A 278 17.56 20.70 23.69
N LYS A 279 16.42 20.08 23.90
CA LYS A 279 16.09 19.49 25.19
C LYS A 279 16.42 18.01 25.22
N HIS A 280 16.84 17.48 24.07
CA HIS A 280 17.17 16.06 23.96
C HIS A 280 18.57 15.77 24.51
N LEU A 281 19.28 16.83 24.89
CA LEU A 281 20.62 16.70 25.44
C LEU A 281 20.62 16.94 26.96
N THR A 282 19.41 17.05 27.53
CA THR A 282 19.27 17.29 28.95
C THR A 282 18.63 16.09 29.65
N GLU A 283 18.71 16.06 30.97
CA GLU A 283 18.12 14.98 31.76
C GLU A 283 16.59 15.09 31.78
N SER A 284 16.10 16.32 31.90
CA SER A 284 14.66 16.56 31.98
C SER A 284 13.97 16.28 30.65
N GLY A 285 14.52 16.84 29.58
CA GLY A 285 13.92 16.72 28.26
C GLY A 285 13.95 15.33 27.68
N LEU A 286 14.78 14.46 28.24
CA LEU A 286 14.88 13.08 27.76
C LEU A 286 13.75 12.23 28.33
N ASP A 287 13.22 12.65 29.47
CA ASP A 287 12.16 11.90 30.14
C ASP A 287 10.86 11.89 29.34
N GLU A 288 10.44 13.06 28.86
CA GLU A 288 9.20 13.15 28.09
C GLU A 288 9.37 12.52 26.72
N ILE A 289 10.61 12.50 26.21
CA ILE A 289 10.90 11.82 24.96
C ILE A 289 10.78 10.31 25.13
N LYS A 290 11.34 9.80 26.22
CA LYS A 290 11.28 8.38 26.54
C LYS A 290 9.84 7.93 26.75
N LYS A 291 9.03 8.80 27.33
CA LYS A 291 7.62 8.51 27.55
C LYS A 291 6.86 8.46 26.22
N ILE A 292 7.28 9.31 25.29
CA ILE A 292 6.67 9.35 23.96
C ILE A 292 7.02 8.10 23.15
N LYS A 293 8.32 7.79 23.10
CA LYS A 293 8.81 6.67 22.29
C LYS A 293 8.27 5.32 22.76
N LEU A 294 7.97 5.23 24.06
CA LEU A 294 7.48 3.99 24.64
C LEU A 294 5.96 3.89 24.53
N ASN A 295 5.33 4.93 23.98
CA ASN A 295 3.88 4.95 23.84
C ASN A 295 3.44 5.19 22.40
N MET A 296 4.36 5.00 21.46
CA MET A 296 4.05 5.18 20.04
C MET A 296 4.48 3.96 19.23
N ASN A 297 3.95 3.86 18.02
CA ASN A 297 4.20 2.71 17.13
C ASN A 297 3.89 1.38 17.80
N LYS A 298 4.88 0.50 17.85
CA LYS A 298 4.72 -0.80 18.49
C LYS A 298 4.69 -0.66 20.01
N GLY A 299 5.14 0.50 20.49
CA GLY A 299 5.15 0.79 21.92
C GLY A 299 3.76 0.97 22.50
N ARG A 300 2.78 1.23 21.63
CA ARG A 300 1.40 1.38 22.07
C ARG A 300 0.57 0.18 21.63
N VAL A 301 -0.46 -0.13 22.41
CA VAL A 301 -1.39 -1.19 22.07
C VAL A 301 -2.81 -0.61 22.02
N PHE A 302 -2.91 0.66 22.38
CA PHE A 302 -4.20 1.36 22.37
C PHE A 302 -4.01 2.83 22.00
#